data_3I3C
#
_entry.id   3I3C
#
_cell.length_a   81.660
_cell.length_b   126.587
_cell.length_c   31.399
_cell.angle_alpha   90.000
_cell.angle_beta   90.000
_cell.angle_gamma   90.000
#
_symmetry.space_group_name_H-M   'P 21 21 2'
#
loop_
_entity.id
_entity.type
_entity.pdbx_description
1 polymer 'Chromobox protein homolog 5'
2 non-polymer 'SODIUM ION'
3 water water
#
_entity_poly.entity_id   1
_entity_poly.type   'polypeptide(L)'
_entity_poly.pdbx_seq_one_letter_code
;SSGRENLYFQGSNDIARGFERGLEPEKIIGATDSCGDLMFLMKWKDTDEADLVLAKEANVKCPQIVIAFYEERLT
;
_entity_poly.pdbx_strand_id   A,B,C,D
#
loop_
_chem_comp.id
_chem_comp.type
_chem_comp.name
_chem_comp.formula
NA non-polymer 'SODIUM ION' 'Na 1'
#
# COMPACT_ATOMS: atom_id res chain seq x y z
N ASN A 13 18.74 -5.56 -11.62
CA ASN A 13 18.82 -4.81 -10.30
C ASN A 13 19.86 -3.69 -10.24
N ASP A 14 21.00 -3.97 -10.88
CA ASP A 14 21.98 -2.95 -11.33
C ASP A 14 21.32 -1.69 -12.00
N ILE A 15 20.08 -1.85 -12.48
CA ILE A 15 19.33 -0.83 -13.17
C ILE A 15 18.78 0.15 -12.11
N ALA A 16 18.85 -0.29 -10.86
CA ALA A 16 18.23 0.35 -9.74
C ALA A 16 19.20 0.49 -8.62
N ARG A 17 20.23 1.31 -8.79
CA ARG A 17 21.05 1.82 -7.68
C ARG A 17 20.84 3.34 -7.35
N GLY A 18 19.64 3.89 -7.59
CA GLY A 18 19.39 5.36 -7.26
C GLY A 18 19.98 5.87 -5.94
N PHE A 19 19.88 5.09 -4.85
CA PHE A 19 20.45 5.53 -3.56
C PHE A 19 21.94 5.87 -3.55
N GLU A 20 22.67 5.31 -4.50
CA GLU A 20 24.13 5.44 -4.47
C GLU A 20 24.54 6.79 -4.86
N ARG A 21 23.56 7.54 -5.34
CA ARG A 21 23.82 8.91 -5.73
C ARG A 21 24.01 9.73 -4.46
N GLY A 22 23.50 9.27 -3.32
CA GLY A 22 23.70 9.96 -2.04
C GLY A 22 22.80 11.23 -2.00
N LEU A 23 21.62 11.16 -2.60
CA LEU A 23 20.68 12.28 -2.48
C LEU A 23 19.57 11.77 -1.55
N GLU A 24 18.73 12.72 -1.10
CA GLU A 24 17.71 12.38 -0.13
C GLU A 24 16.46 12.04 -0.88
N PRO A 25 15.80 10.94 -0.54
CA PRO A 25 14.54 10.71 -1.28
C PRO A 25 13.47 11.76 -0.95
N GLU A 26 12.59 11.99 -1.90
CA GLU A 26 11.49 12.87 -1.65
C GLU A 26 10.18 12.13 -1.82
N LYS A 27 10.01 11.41 -2.93
CA LYS A 27 8.66 10.95 -3.30
C LYS A 27 8.74 9.89 -4.35
N ILE A 28 7.97 8.82 -4.20
CA ILE A 28 7.97 7.77 -5.22
C ILE A 28 6.96 8.19 -6.25
N ILE A 29 7.41 8.17 -7.52
CA ILE A 29 6.56 8.59 -8.63
C ILE A 29 6.17 7.46 -9.58
N GLY A 30 6.50 6.21 -9.25
CA GLY A 30 6.22 5.09 -10.15
C GLY A 30 6.87 3.79 -9.70
N ALA A 31 6.50 2.70 -10.37
CA ALA A 31 6.96 1.39 -9.98
C ALA A 31 6.93 0.46 -11.16
N THR A 32 7.62 -0.66 -11.03
CA THR A 32 7.66 -1.67 -12.08
C THR A 32 8.37 -2.93 -11.63
N ASP A 33 8.11 -4.03 -12.31
CA ASP A 33 8.87 -5.29 -12.20
C ASP A 33 10.03 -5.36 -13.21
N ASP A 37 11.92 -8.10 -9.74
CA ASP A 37 11.89 -7.62 -8.35
C ASP A 37 11.36 -6.19 -8.28
N LEU A 38 10.32 -5.99 -7.48
CA LEU A 38 9.66 -4.69 -7.43
C LEU A 38 10.63 -3.51 -7.33
N MET A 39 10.46 -2.51 -8.20
CA MET A 39 11.28 -1.30 -8.08
C MET A 39 10.46 0.01 -8.01
N PHE A 40 11.02 1.00 -7.33
CA PHE A 40 10.36 2.33 -7.27
C PHE A 40 11.16 3.35 -8.02
N LEU A 41 10.45 4.10 -8.82
CA LEU A 41 11.06 5.31 -9.37
C LEU A 41 11.09 6.31 -8.25
N MET A 42 12.28 6.65 -7.75
CA MET A 42 12.34 7.62 -6.65
C MET A 42 12.79 8.95 -7.10
N LYS A 43 12.02 9.98 -6.70
CA LYS A 43 12.37 11.36 -6.97
C LYS A 43 13.14 11.90 -5.76
N TRP A 44 14.23 12.63 -6.03
CA TRP A 44 15.10 13.18 -5.00
C TRP A 44 14.75 14.65 -4.62
N LYS A 45 15.00 14.99 -3.35
CA LYS A 45 14.65 16.24 -2.79
C LYS A 45 15.23 17.44 -3.52
N ASP A 46 14.37 18.41 -3.86
CA ASP A 46 14.78 19.71 -4.46
C ASP A 46 15.37 19.68 -5.89
N THR A 47 15.68 18.48 -6.39
CA THR A 47 15.99 18.34 -7.83
C THR A 47 14.87 17.68 -8.59
N ASP A 48 14.96 17.92 -9.89
CA ASP A 48 14.08 17.36 -10.88
C ASP A 48 14.78 16.11 -11.48
N GLU A 49 14.95 15.09 -10.68
CA GLU A 49 15.66 13.91 -11.14
C GLU A 49 15.00 12.77 -10.42
N ALA A 50 14.93 11.61 -11.06
CA ALA A 50 14.39 10.39 -10.46
C ALA A 50 15.24 9.16 -10.88
N ASP A 51 15.38 8.17 -10.02
CA ASP A 51 16.05 6.90 -10.43
C ASP A 51 15.42 5.75 -9.70
N LEU A 52 15.54 4.57 -10.30
CA LEU A 52 15.07 3.34 -9.74
C LEU A 52 15.92 2.94 -8.58
N VAL A 53 15.20 2.45 -7.59
CA VAL A 53 15.74 1.84 -6.39
C VAL A 53 14.87 0.63 -6.11
N LEU A 54 15.44 -0.33 -5.37
CA LEU A 54 14.74 -1.56 -5.10
C LEU A 54 13.77 -1.25 -3.97
N ALA A 55 12.51 -1.61 -4.11
CA ALA A 55 11.54 -1.51 -3.02
C ALA A 55 12.00 -2.12 -1.66
N LYS A 56 12.57 -3.32 -1.68
CA LYS A 56 13.13 -3.99 -0.49
C LYS A 56 14.05 -3.04 0.27
N GLU A 57 14.86 -2.29 -0.47
CA GLU A 57 15.83 -1.41 0.07
C GLU A 57 15.14 -0.08 0.52
N ALA A 58 14.21 0.45 -0.26
CA ALA A 58 13.51 1.68 0.13
C ALA A 58 12.69 1.50 1.40
N ASN A 59 12.15 0.28 1.58
CA ASN A 59 11.35 -0.03 2.78
C ASN A 59 12.10 0.29 4.04
N VAL A 60 13.38 -0.03 3.98
CA VAL A 60 14.28 0.09 5.11
C VAL A 60 14.82 1.51 5.19
N LYS A 61 15.19 2.13 4.07
CA LYS A 61 15.87 3.42 4.13
C LYS A 61 14.88 4.63 4.31
N CYS A 62 13.69 4.55 3.71
CA CYS A 62 12.70 5.61 3.80
C CYS A 62 11.30 5.01 3.79
N PRO A 63 10.93 4.35 4.92
CA PRO A 63 9.68 3.65 5.06
C PRO A 63 8.44 4.60 4.93
N GLN A 64 8.52 5.81 5.51
CA GLN A 64 7.35 6.73 5.49
C GLN A 64 6.99 7.13 4.09
N ILE A 65 8.01 7.32 3.26
CA ILE A 65 7.81 7.66 1.85
C ILE A 65 7.26 6.42 1.10
N VAL A 66 7.74 5.22 1.44
CA VAL A 66 7.19 4.05 0.78
C VAL A 66 5.71 4.06 1.09
N ILE A 67 5.37 4.32 2.35
CA ILE A 67 3.98 4.22 2.80
C ILE A 67 3.07 5.28 2.15
N ALA A 68 3.59 6.48 1.91
CA ALA A 68 2.77 7.54 1.27
C ALA A 68 2.40 7.12 -0.18
N PHE A 69 3.33 6.39 -0.80
CA PHE A 69 3.06 5.80 -2.13
C PHE A 69 1.94 4.79 -2.11
N TYR A 70 1.81 4.00 -1.06
CA TYR A 70 0.75 3.02 -1.03
C TYR A 70 -0.62 3.60 -0.77
N GLU A 71 -0.72 4.58 0.13
CA GLU A 71 -1.96 5.29 0.41
C GLU A 71 -2.49 6.06 -0.80
N GLU A 72 -1.92 5.76 -1.97
N GLU A 72 -1.92 5.77 -1.97
CA GLU A 72 -2.36 6.33 -3.24
CA GLU A 72 -2.44 6.27 -3.24
C GLU A 72 -3.01 5.28 -4.14
C GLU A 72 -3.46 5.28 -3.80
N ASP B 14 -11.63 6.81 18.44
CA ASP B 14 -12.01 6.26 19.79
C ASP B 14 -12.38 4.72 19.69
N ILE B 15 -12.96 4.33 18.55
CA ILE B 15 -13.20 2.93 18.23
C ILE B 15 -11.86 2.20 18.02
N ALA B 16 -10.79 2.99 17.84
CA ALA B 16 -9.47 2.47 17.42
C ALA B 16 -8.37 3.02 18.28
N ARG B 17 -8.28 2.54 19.52
CA ARG B 17 -7.16 2.76 20.42
C ARG B 17 -6.41 1.45 20.77
N GLY B 18 -6.46 0.43 19.90
CA GLY B 18 -5.73 -0.83 20.13
C GLY B 18 -4.33 -0.73 20.71
N PHE B 19 -3.50 0.23 20.26
CA PHE B 19 -2.14 0.36 20.84
C PHE B 19 -2.10 0.62 22.35
N GLU B 20 -3.21 1.10 22.91
CA GLU B 20 -3.22 1.51 24.32
C GLU B 20 -3.19 0.33 25.21
N ARG B 21 -3.46 -0.82 24.61
CA ARG B 21 -3.47 -2.09 25.31
C ARG B 21 -2.05 -2.46 25.69
N GLY B 22 -1.05 -1.82 25.06
CA GLY B 22 0.37 -2.05 25.37
C GLY B 22 0.87 -3.42 24.97
N LEU B 23 0.35 -3.94 23.87
CA LEU B 23 0.81 -5.19 23.31
C LEU B 23 1.59 -4.93 22.03
N GLU B 24 2.36 -5.93 21.62
CA GLU B 24 3.25 -5.76 20.47
C GLU B 24 2.41 -6.09 19.25
N PRO B 25 2.52 -5.28 18.18
CA PRO B 25 1.79 -5.64 16.96
C PRO B 25 2.44 -6.80 16.25
N GLU B 26 1.63 -7.57 15.53
CA GLU B 26 2.15 -8.73 14.80
C GLU B 26 1.83 -8.63 13.33
N LYS B 27 0.59 -8.28 13.00
CA LYS B 27 0.15 -8.46 11.62
C LYS B 27 -1.18 -7.81 11.43
N ILE B 28 -1.31 -6.97 10.39
CA ILE B 28 -2.62 -6.34 10.07
C ILE B 28 -3.44 -7.38 9.34
N ILE B 29 -4.67 -7.61 9.81
CA ILE B 29 -5.56 -8.61 9.24
C ILE B 29 -6.83 -8.02 8.59
N GLY B 30 -6.87 -6.70 8.42
CA GLY B 30 -8.03 -6.07 7.77
C GLY B 30 -8.00 -4.56 7.90
N ALA B 31 -8.92 -3.88 7.23
CA ALA B 31 -8.96 -2.44 7.26
C ALA B 31 -10.36 -1.94 6.99
N THR B 32 -10.58 -0.65 7.21
CA THR B 32 -11.86 -0.05 6.98
C THR B 32 -11.82 1.43 7.20
N ASP B 33 -12.80 2.14 6.60
CA ASP B 33 -13.07 3.58 6.83
C ASP B 33 -14.05 3.83 7.98
N SER B 34 -13.52 4.43 9.05
CA SER B 34 -14.36 4.99 10.13
C SER B 34 -15.21 6.22 9.65
N ASP B 37 -11.68 7.84 8.58
CA ASP B 37 -10.22 7.77 8.64
C ASP B 37 -9.73 6.34 8.60
N LEU B 38 -8.84 6.02 7.66
CA LEU B 38 -8.39 4.63 7.51
C LEU B 38 -7.97 3.96 8.84
N MET B 39 -8.44 2.74 9.08
CA MET B 39 -8.05 1.99 10.25
C MET B 39 -7.57 0.57 9.95
N PHE B 40 -6.65 0.07 10.75
CA PHE B 40 -6.19 -1.32 10.57
C PHE B 40 -6.65 -2.21 11.70
N LEU B 41 -7.12 -3.38 11.34
CA LEU B 41 -7.39 -4.34 12.36
C LEU B 41 -6.04 -4.93 12.59
N MET B 42 -5.47 -4.68 13.77
CA MET B 42 -4.16 -5.19 14.11
C MET B 42 -4.26 -6.36 15.02
N LYS B 43 -3.59 -7.45 14.64
CA LYS B 43 -3.45 -8.63 15.51
C LYS B 43 -2.17 -8.49 16.33
N TRP B 44 -2.28 -8.80 17.62
CA TRP B 44 -1.13 -8.71 18.55
C TRP B 44 -0.35 -10.03 18.72
N LYS B 45 0.96 -9.92 19.00
CA LYS B 45 1.90 -11.02 19.05
C LYS B 45 1.46 -12.09 20.04
N ASP B 46 1.48 -13.34 19.60
CA ASP B 46 1.27 -14.50 20.51
C ASP B 46 -0.11 -14.64 21.16
N THR B 47 -0.99 -13.65 20.97
CA THR B 47 -2.33 -13.69 21.58
C THR B 47 -3.36 -13.64 20.47
N ASP B 48 -4.41 -14.42 20.59
CA ASP B 48 -5.44 -14.48 19.57
C ASP B 48 -6.39 -13.33 19.79
N GLU B 49 -5.92 -12.12 19.56
CA GLU B 49 -6.73 -10.91 19.79
C GLU B 49 -6.38 -9.95 18.71
N ALA B 50 -7.32 -9.10 18.32
CA ALA B 50 -7.04 -8.01 17.37
C ALA B 50 -7.89 -6.78 17.74
N ASP B 51 -7.39 -5.58 17.46
CA ASP B 51 -8.17 -4.32 17.67
C ASP B 51 -7.77 -3.27 16.66
N LEU B 52 -8.71 -2.37 16.38
CA LEU B 52 -8.55 -1.24 15.48
C LEU B 52 -7.59 -0.23 16.05
N VAL B 53 -6.75 0.27 15.13
CA VAL B 53 -5.72 1.28 15.37
C VAL B 53 -5.78 2.13 14.11
N LEU B 54 -5.42 3.40 14.25
CA LEU B 54 -5.49 4.33 13.16
C LEU B 54 -4.24 4.07 12.34
N ALA B 55 -4.38 3.98 11.02
CA ALA B 55 -3.28 3.77 10.10
C ALA B 55 -2.21 4.88 10.21
N LYS B 56 -2.63 6.13 10.38
CA LYS B 56 -1.71 7.24 10.58
C LYS B 56 -0.74 6.91 11.72
N GLU B 57 -1.30 6.44 12.83
CA GLU B 57 -0.55 6.03 13.99
C GLU B 57 0.31 4.74 13.75
N ALA B 58 -0.26 3.73 13.10
CA ALA B 58 0.49 2.49 12.86
C ALA B 58 1.70 2.72 11.89
N ASN B 59 1.56 3.72 11.01
CA ASN B 59 2.64 4.02 10.07
C ASN B 59 3.90 4.36 10.83
N VAL B 60 3.71 5.16 11.87
CA VAL B 60 4.79 5.61 12.71
C VAL B 60 5.22 4.51 13.70
N LYS B 61 4.29 3.75 14.29
CA LYS B 61 4.67 2.82 15.35
C LYS B 61 5.23 1.47 14.84
N CYS B 62 4.69 0.95 13.75
CA CYS B 62 5.22 -0.27 13.16
C CYS B 62 5.13 -0.16 11.63
N PRO B 63 6.12 0.52 11.03
CA PRO B 63 6.03 0.79 9.62
C PRO B 63 6.23 -0.45 8.79
N GLN B 64 7.17 -1.34 9.20
CA GLN B 64 7.40 -2.56 8.44
C GLN B 64 6.18 -3.39 8.36
N ILE B 65 5.40 -3.44 9.45
CA ILE B 65 4.15 -4.22 9.45
C ILE B 65 3.11 -3.63 8.49
N VAL B 66 3.06 -2.30 8.35
CA VAL B 66 2.11 -1.60 7.48
C VAL B 66 2.51 -1.94 6.07
N ILE B 67 3.78 -1.72 5.76
CA ILE B 67 4.33 -2.07 4.45
C ILE B 67 4.18 -3.56 4.00
N ALA B 68 4.21 -4.51 4.94
CA ALA B 68 4.01 -5.92 4.56
C ALA B 68 2.55 -6.16 4.25
N PHE B 69 1.68 -5.31 4.82
CA PHE B 69 0.28 -5.46 4.54
C PHE B 69 -0.09 -4.93 3.15
N TYR B 70 0.45 -3.78 2.79
CA TYR B 70 0.24 -3.24 1.44
C TYR B 70 0.91 -4.10 0.36
N GLU B 71 1.99 -4.78 0.72
CA GLU B 71 2.68 -5.69 -0.18
C GLU B 71 1.93 -6.98 -0.45
N GLU B 72 0.90 -7.26 0.32
CA GLU B 72 -0.02 -8.31 -0.07
C GLU B 72 -1.21 -7.68 -0.76
N ARG B 73 -1.16 -7.78 -2.09
CA ARG B 73 -1.97 -7.02 -3.06
C ARG B 73 -1.29 -7.08 -4.43
N ASP C 14 -11.30 -17.70 17.97
CA ASP C 14 -10.84 -17.14 19.28
C ASP C 14 -10.54 -15.62 19.21
N ILE C 15 -10.03 -15.17 18.05
CA ILE C 15 -9.84 -13.75 17.73
C ILE C 15 -11.18 -13.01 17.65
N ALA C 16 -12.26 -13.80 17.52
CA ALA C 16 -13.61 -13.30 17.23
C ALA C 16 -14.68 -13.84 18.16
N ARG C 17 -14.63 -13.45 19.44
CA ARG C 17 -15.69 -13.70 20.42
C ARG C 17 -16.42 -12.38 20.89
N GLY C 18 -16.51 -11.36 20.04
CA GLY C 18 -17.19 -10.10 20.40
C GLY C 18 -18.53 -10.27 21.13
N PHE C 19 -19.38 -11.22 20.73
CA PHE C 19 -20.68 -11.36 21.39
C PHE C 19 -20.61 -11.66 22.87
N GLU C 20 -19.49 -12.28 23.30
CA GLU C 20 -19.32 -12.68 24.68
C GLU C 20 -19.24 -11.52 25.63
N ARG C 21 -19.10 -10.32 25.07
CA ARG C 21 -19.05 -9.10 25.83
C ARG C 21 -20.45 -8.75 26.31
N GLY C 22 -21.46 -9.39 25.75
CA GLY C 22 -22.84 -9.18 26.21
C GLY C 22 -23.39 -7.82 25.83
N LEU C 23 -22.90 -7.25 24.74
CA LEU C 23 -23.44 -5.96 24.30
C LEU C 23 -24.38 -6.21 23.11
N GLU C 24 -25.31 -5.29 22.88
N GLU C 24 -25.32 -5.30 22.90
CA GLU C 24 -26.25 -5.43 21.76
CA GLU C 24 -26.21 -5.41 21.76
C GLU C 24 -25.63 -4.83 20.50
C GLU C 24 -25.41 -4.92 20.54
N PRO C 25 -25.56 -5.64 19.40
CA PRO C 25 -24.91 -5.22 18.17
C PRO C 25 -25.59 -4.02 17.56
N GLU C 26 -24.85 -3.24 16.77
CA GLU C 26 -25.43 -2.06 16.15
C GLU C 26 -25.25 -2.07 14.64
N LYS C 27 -24.05 -2.37 14.20
CA LYS C 27 -23.73 -2.11 12.81
C LYS C 27 -22.45 -2.80 12.47
N ILE C 28 -22.40 -3.55 11.36
CA ILE C 28 -21.13 -4.15 10.96
C ILE C 28 -20.36 -3.13 10.18
N ILE C 29 -19.09 -2.92 10.54
CA ILE C 29 -18.23 -1.88 9.95
C ILE C 29 -17.04 -2.42 9.11
N GLY C 30 -17.01 -3.72 8.88
CA GLY C 30 -15.90 -4.33 8.15
C GLY C 30 -15.91 -5.83 8.22
N ALA C 31 -15.04 -6.43 7.44
CA ALA C 31 -15.05 -7.90 7.31
C ALA C 31 -13.69 -8.40 6.91
N THR C 32 -13.43 -9.68 7.13
CA THR C 32 -12.16 -10.26 6.76
C THR C 32 -12.18 -11.77 6.88
N ASP C 33 -11.23 -12.41 6.21
CA ASP C 33 -10.94 -13.84 6.38
C ASP C 33 -9.85 -13.98 7.43
N GLY C 36 -9.50 -17.39 8.03
CA GLY C 36 -9.99 -18.23 6.92
C GLY C 36 -11.51 -18.33 6.87
N ASP C 37 -12.15 -18.25 8.04
CA ASP C 37 -13.60 -18.28 8.16
C ASP C 37 -14.13 -16.82 8.29
N LEU C 38 -15.13 -16.45 7.50
CA LEU C 38 -15.55 -15.04 7.39
C LEU C 38 -15.84 -14.37 8.75
N MET C 39 -15.29 -13.18 8.97
CA MET C 39 -15.59 -12.48 10.22
C MET C 39 -16.09 -11.05 10.03
N PHE C 40 -16.97 -10.60 10.91
CA PHE C 40 -17.46 -9.20 10.85
C PHE C 40 -16.89 -8.41 11.97
N LEU C 41 -16.52 -7.18 11.66
CA LEU C 41 -16.18 -6.26 12.72
C LEU C 41 -17.50 -5.68 13.13
N MET C 42 -17.94 -5.99 14.34
CA MET C 42 -19.22 -5.51 14.80
C MET C 42 -19.07 -4.35 15.74
N LYS C 43 -19.79 -3.26 15.46
CA LYS C 43 -19.91 -2.13 16.36
C LYS C 43 -21.09 -2.31 17.31
N TRP C 44 -20.91 -1.91 18.57
CA TRP C 44 -21.93 -2.14 19.60
C TRP C 44 -22.71 -0.86 19.92
N LYS C 45 -24.01 -1.02 20.23
CA LYS C 45 -24.93 0.06 20.45
C LYS C 45 -24.48 1.09 21.51
N ASP C 46 -24.51 2.37 21.12
CA ASP C 46 -24.21 3.51 22.03
C ASP C 46 -22.77 3.63 22.56
N THR C 47 -21.94 2.64 22.29
CA THR C 47 -20.57 2.77 22.66
C THR C 47 -19.68 2.81 21.40
N ASP C 48 -18.52 3.43 21.54
CA ASP C 48 -17.55 3.54 20.47
C ASP C 48 -16.56 2.40 20.60
N GLU C 49 -17.02 1.19 20.32
CA GLU C 49 -16.21 -0.01 20.43
C GLU C 49 -16.66 -0.97 19.36
N ALA C 50 -15.72 -1.77 18.85
CA ALA C 50 -16.06 -2.81 17.90
C ALA C 50 -15.20 -4.07 18.13
N ASP C 51 -15.74 -5.26 17.84
CA ASP C 51 -14.95 -6.49 17.94
C ASP C 51 -15.40 -7.48 16.88
N LEU C 52 -14.47 -8.35 16.48
CA LEU C 52 -14.73 -9.43 15.54
C LEU C 52 -15.64 -10.47 16.12
N VAL C 53 -16.51 -10.94 15.25
CA VAL C 53 -17.47 -11.98 15.55
C VAL C 53 -17.55 -12.83 14.27
N LEU C 54 -17.90 -14.10 14.42
CA LEU C 54 -17.95 -14.98 13.28
C LEU C 54 -19.25 -14.69 12.53
N ALA C 55 -19.17 -14.56 11.21
CA ALA C 55 -20.36 -14.33 10.40
C ALA C 55 -21.45 -15.39 10.59
N LYS C 56 -21.04 -16.66 10.69
CA LYS C 56 -21.97 -17.77 10.87
C LYS C 56 -22.83 -17.51 12.10
N GLU C 57 -22.21 -17.05 13.16
CA GLU C 57 -22.86 -16.71 14.39
C GLU C 57 -23.69 -15.43 14.26
N ALA C 58 -23.17 -14.38 13.64
CA ALA C 58 -23.99 -13.13 13.55
C ALA C 58 -25.26 -13.32 12.70
N ASN C 59 -25.19 -14.22 11.72
CA ASN C 59 -26.34 -14.53 10.89
C ASN C 59 -27.53 -14.92 11.76
N VAL C 60 -27.24 -15.77 12.74
CA VAL C 60 -28.24 -16.30 13.67
C VAL C 60 -28.58 -15.28 14.78
N LYS C 61 -27.61 -14.54 15.30
CA LYS C 61 -27.91 -13.65 16.43
C LYS C 61 -28.43 -12.25 16.06
N CYS C 62 -28.06 -11.74 14.90
CA CYS C 62 -28.59 -10.47 14.42
C CYS C 62 -28.63 -10.48 12.90
N PRO C 63 -29.59 -11.22 12.33
CA PRO C 63 -29.71 -11.36 10.88
C PRO C 63 -29.98 -10.05 10.16
N GLN C 64 -30.85 -9.19 10.72
CA GLN C 64 -31.19 -7.90 10.04
C GLN C 64 -29.99 -7.01 9.84
N ILE C 65 -29.11 -6.99 10.83
CA ILE C 65 -27.84 -6.26 10.75
C ILE C 65 -26.87 -6.92 9.76
N VAL C 66 -26.77 -8.25 9.71
CA VAL C 66 -26.07 -8.87 8.58
C VAL C 66 -26.68 -8.43 7.24
N ILE C 67 -28.00 -8.49 7.13
CA ILE C 67 -28.69 -8.11 5.91
C ILE C 67 -28.40 -6.64 5.60
N ALA C 68 -28.43 -5.76 6.60
CA ALA C 68 -28.21 -4.33 6.33
C ALA C 68 -26.79 -4.03 5.82
N PHE C 69 -25.83 -4.83 6.23
CA PHE C 69 -24.47 -4.67 5.76
C PHE C 69 -24.30 -5.22 4.39
N TYR C 70 -24.92 -6.35 4.07
CA TYR C 70 -24.80 -6.82 2.71
C TYR C 70 -25.39 -5.83 1.71
N GLU C 71 -26.42 -5.10 2.13
CA GLU C 71 -27.07 -4.10 1.29
C GLU C 71 -26.15 -2.90 1.01
N GLU C 72 -24.97 -2.89 1.65
CA GLU C 72 -24.01 -1.76 1.67
C GLU C 72 -24.59 -0.51 2.31
N ASP D 14 11.73 18.06 -17.37
CA ASP D 14 13.15 18.16 -16.83
C ASP D 14 13.61 16.87 -16.12
N ILE D 15 12.66 16.20 -15.46
CA ILE D 15 12.83 14.89 -14.83
C ILE D 15 13.05 13.84 -15.91
N ALA D 16 12.65 14.18 -17.14
CA ALA D 16 12.57 13.21 -18.25
C ALA D 16 13.29 13.69 -19.50
N ARG D 17 14.61 13.72 -19.46
CA ARG D 17 15.46 13.99 -20.63
C ARG D 17 16.35 12.76 -21.00
N GLY D 18 15.92 11.55 -20.64
CA GLY D 18 16.63 10.30 -21.03
C GLY D 18 17.31 10.30 -22.39
N PHE D 19 16.61 10.74 -23.46
CA PHE D 19 17.23 10.75 -24.79
C PHE D 19 18.53 11.53 -24.90
N GLU D 20 18.70 12.57 -24.09
CA GLU D 20 19.89 13.44 -24.18
C GLU D 20 21.18 12.73 -23.83
N ARG D 21 21.04 11.53 -23.27
CA ARG D 21 22.17 10.67 -22.99
C ARG D 21 22.73 10.12 -24.29
N GLY D 22 21.96 10.18 -25.37
CA GLY D 22 22.45 9.78 -26.69
C GLY D 22 22.68 8.28 -26.78
N LEU D 23 21.84 7.52 -26.08
CA LEU D 23 21.89 6.08 -26.17
C LEU D 23 20.70 5.60 -27.02
N GLU D 24 20.80 4.39 -27.58
CA GLU D 24 19.70 3.79 -28.32
C GLU D 24 18.64 3.26 -27.35
N PRO D 25 17.35 3.51 -27.62
CA PRO D 25 16.33 2.89 -26.78
C PRO D 25 16.18 1.39 -27.06
N GLU D 26 15.77 0.63 -26.05
CA GLU D 26 15.59 -0.80 -26.22
C GLU D 26 14.16 -1.21 -25.93
N LYS D 27 13.61 -0.73 -24.82
CA LYS D 27 12.38 -1.29 -24.29
C LYS D 27 11.79 -0.39 -23.21
N ILE D 28 10.50 -0.07 -23.29
CA ILE D 28 9.87 0.69 -22.22
C ILE D 28 9.52 -0.28 -21.12
N ILE D 29 9.95 0.06 -19.89
CA ILE D 29 9.73 -0.81 -18.74
C ILE D 29 8.77 -0.26 -17.70
N GLY D 30 8.13 0.88 -18.00
CA GLY D 30 7.20 1.50 -17.06
C GLY D 30 6.71 2.86 -17.51
N ALA D 31 5.75 3.40 -16.78
CA ALA D 31 5.15 4.69 -17.17
C ALA D 31 4.56 5.36 -15.98
N THR D 32 4.33 6.66 -16.09
CA THR D 32 3.77 7.45 -14.99
C THR D 32 3.39 8.84 -15.47
N ASP D 33 2.51 9.50 -14.74
CA ASP D 33 2.21 10.94 -14.84
C ASP D 33 3.04 11.78 -13.87
N SER D 34 4.03 12.57 -14.33
CA SER D 34 4.57 13.60 -13.34
C SER D 34 3.73 14.91 -13.20
N ASP D 37 2.16 15.01 -17.41
CA ASP D 37 2.38 14.59 -18.81
C ASP D 37 2.96 13.18 -18.87
N LEU D 38 2.32 12.29 -19.62
CA LEU D 38 2.74 10.89 -19.65
C LEU D 38 4.26 10.70 -19.89
N MET D 39 4.88 9.80 -19.10
CA MET D 39 6.29 9.53 -19.27
C MET D 39 6.63 8.04 -19.31
N PHE D 40 7.60 7.67 -20.14
CA PHE D 40 8.05 6.28 -20.18
C PHE D 40 9.40 6.09 -19.55
N LEU D 41 9.50 5.07 -18.72
CA LEU D 41 10.80 4.65 -18.24
C LEU D 41 11.37 3.87 -19.37
N MET D 42 12.41 4.39 -20.00
CA MET D 42 13.00 3.75 -21.14
C MET D 42 14.28 3.11 -20.77
N LYS D 43 14.41 1.82 -21.10
CA LYS D 43 15.66 1.07 -20.91
C LYS D 43 16.53 1.15 -22.15
N TRP D 44 17.83 1.39 -21.98
CA TRP D 44 18.76 1.52 -23.14
C TRP D 44 19.46 0.23 -23.60
N LYS D 45 19.76 0.15 -24.89
CA LYS D 45 20.35 -1.06 -25.47
C LYS D 45 21.63 -1.46 -24.79
N ASP D 46 21.73 -2.75 -24.43
CA ASP D 46 22.99 -3.35 -23.94
C ASP D 46 23.53 -2.82 -22.60
N THR D 47 23.06 -1.65 -22.14
CA THR D 47 23.39 -1.17 -20.78
C THR D 47 22.24 -1.48 -19.81
N ASP D 48 22.58 -1.74 -18.54
CA ASP D 48 21.57 -1.92 -17.47
C ASP D 48 21.20 -0.56 -16.87
N GLU D 49 20.55 0.27 -17.68
CA GLU D 49 20.21 1.64 -17.26
C GLU D 49 18.86 1.99 -17.82
N ALA D 50 18.11 2.83 -17.13
CA ALA D 50 16.83 3.33 -17.63
C ALA D 50 16.61 4.79 -17.20
N ASP D 51 15.91 5.57 -18.02
CA ASP D 51 15.57 6.96 -17.64
C ASP D 51 14.24 7.38 -18.28
N LEU D 52 13.58 8.32 -17.61
CA LEU D 52 12.32 8.90 -18.07
C LEU D 52 12.55 9.74 -19.31
N VAL D 53 11.61 9.59 -20.20
CA VAL D 53 11.53 10.33 -21.45
C VAL D 53 10.04 10.61 -21.57
N LEU D 54 9.72 11.72 -22.23
CA LEU D 54 8.34 12.09 -22.45
C LEU D 54 7.77 11.18 -23.55
N ALA D 55 6.57 10.66 -23.36
CA ALA D 55 5.91 9.82 -24.34
C ALA D 55 5.70 10.52 -25.69
N LYS D 56 5.35 11.80 -25.66
CA LYS D 56 5.17 12.60 -26.85
C LYS D 56 6.41 12.56 -27.74
N GLU D 57 7.56 12.75 -27.12
CA GLU D 57 8.84 12.63 -27.77
C GLU D 57 9.17 11.14 -28.17
N ALA D 58 8.92 10.16 -27.33
CA ALA D 58 9.26 8.76 -27.69
C ALA D 58 8.41 8.23 -28.89
N ASN D 59 7.18 8.74 -28.98
CA ASN D 59 6.33 8.38 -30.10
C ASN D 59 7.00 8.67 -31.42
N VAL D 60 7.67 9.83 -31.47
CA VAL D 60 8.32 10.31 -32.66
C VAL D 60 9.65 9.63 -32.84
N LYS D 61 10.43 9.44 -31.75
CA LYS D 61 11.81 8.92 -31.90
C LYS D 61 11.92 7.43 -32.02
N CYS D 62 11.06 6.70 -31.35
CA CYS D 62 11.06 5.24 -31.45
C CYS D 62 9.65 4.73 -31.34
N PRO D 63 8.84 4.88 -32.41
CA PRO D 63 7.46 4.54 -32.40
C PRO D 63 7.22 3.07 -32.22
N GLN D 64 8.05 2.22 -32.86
CA GLN D 64 7.84 0.75 -32.79
C GLN D 64 7.96 0.30 -31.37
N ILE D 65 8.94 0.85 -30.66
CA ILE D 65 9.12 0.49 -29.25
C ILE D 65 7.93 0.95 -28.39
N VAL D 66 7.39 2.16 -28.64
CA VAL D 66 6.18 2.66 -27.95
C VAL D 66 5.01 1.70 -28.18
N ILE D 67 4.78 1.32 -29.44
CA ILE D 67 3.74 0.36 -29.80
C ILE D 67 3.99 -1.03 -29.21
N ALA D 68 5.24 -1.46 -29.17
CA ALA D 68 5.54 -2.79 -28.60
C ALA D 68 5.05 -2.85 -27.14
N PHE D 69 5.27 -1.74 -26.45
CA PHE D 69 4.84 -1.55 -25.07
C PHE D 69 3.35 -1.68 -24.91
N TYR D 70 2.59 -0.93 -25.71
CA TYR D 70 1.14 -1.00 -25.62
C TYR D 70 0.56 -2.40 -25.91
N GLU D 71 1.23 -3.17 -26.77
CA GLU D 71 0.84 -4.58 -27.03
C GLU D 71 1.17 -5.57 -25.88
N GLU D 72 2.14 -5.22 -25.03
CA GLU D 72 2.52 -6.04 -23.87
C GLU D 72 1.51 -5.95 -22.70
NA NA E . 10.93 7.85 5.42
NA NA F . 7.66 -2.50 12.12
#